data_3SKR
#
_entry.id   3SKR
#
_cell.length_a   98.530
_cell.length_b   35.018
_cell.length_c   110.761
_cell.angle_alpha   90.00
_cell.angle_beta   92.18
_cell.angle_gamma   90.00
#
_symmetry.space_group_name_H-M   'C 1 2 1'
#
loop_
_entity.id
_entity.type
_entity.pdbx_description
1 polymer 'RNA (66-MER)'
2 non-polymer "2'-DEOXY-GUANOSINE"
3 non-polymer 'COBALT HEXAMMINE(III)'
4 non-polymer 'MAGNESIUM ION'
5 water water
#
_entity_poly.entity_id   1
_entity_poly.type   'polyribonucleotide'
_entity_poly.pdbx_seq_one_letter_code
;(GTP)GCUUAUACAGGGUAGCAUAAUGGGCUACUGACCCCGCCUUCAAACCUAUUUGGAGACUAUAAGU(CCC)
;
_entity_poly.pdbx_strand_id   A,B
#